data_2CI7
#
_entry.id   2CI7
#
_cell.length_a   44.380
_cell.length_b   74.630
_cell.length_c   81.400
_cell.angle_alpha   90.00
_cell.angle_beta   90.00
_cell.angle_gamma   90.00
#
_symmetry.space_group_name_H-M   'P 21 21 21'
#
loop_
_entity.id
_entity.type
_entity.pdbx_description
1 polymer 'NG, NG-DIMETHYLARGININE DIMETHYLAMINOHYDROLASE 1'
2 non-polymer GLYCINE
3 non-polymer 'ZINC ION'
4 water water
#
_entity_poly.entity_id   1
_entity_poly.type   'polypeptide(L)'
_entity_poly.pdbx_seq_one_letter_code
;ASLGHPATFGRATHVVVRALPESLAQQALRRTKGDEVDFARAERQHQLYVGVLGSKLGLQVVQLPADESLPDCVFVEDVA
VVCEETALITRPGAPSRRKEADMMKEALEKLQLNIVEMKDENATLDGGDVLFTGREFFVGLSKRTNQRGAEILADTFKDY
AVSTVPVVDALHLKSFCSMAGPNLIAIGSSESAQKALKIMQQMSDHRYDKLTVPDDTAANCIYLNIPSKGHVLLHRTPEE
YPESAKVYEKLKDHMLIPVSNSELEKVDGLLTCSSVLINKKVDS
;
_entity_poly.pdbx_strand_id   A
#
# COMPACT_ATOMS: atom_id res chain seq x y z
N THR A 8 -5.34 -16.94 -8.32
CA THR A 8 -5.63 -15.73 -9.14
C THR A 8 -5.14 -14.47 -8.46
N PHE A 9 -4.30 -13.70 -9.17
CA PHE A 9 -3.76 -12.47 -8.62
C PHE A 9 -4.84 -11.47 -8.23
N GLY A 10 -4.63 -10.80 -7.10
CA GLY A 10 -5.58 -9.81 -6.64
C GLY A 10 -6.77 -10.35 -5.86
N ARG A 11 -6.88 -11.66 -5.76
CA ARG A 11 -7.98 -12.25 -5.03
C ARG A 11 -7.79 -12.02 -3.54
N ALA A 12 -8.87 -11.64 -2.86
CA ALA A 12 -8.84 -11.39 -1.43
C ALA A 12 -10.19 -11.73 -0.81
N THR A 13 -10.17 -12.12 0.45
CA THR A 13 -11.39 -12.48 1.17
C THR A 13 -11.54 -11.63 2.43
N HIS A 14 -10.40 -11.20 2.98
CA HIS A 14 -10.37 -10.40 4.19
C HIS A 14 -9.48 -9.17 4.02
N VAL A 15 -9.73 -8.14 4.83
CA VAL A 15 -8.93 -6.93 4.78
C VAL A 15 -8.79 -6.37 6.18
N VAL A 16 -7.56 -6.00 6.54
CA VAL A 16 -7.31 -5.44 7.86
C VAL A 16 -7.15 -3.93 7.72
N VAL A 17 -7.84 -3.19 8.58
CA VAL A 17 -7.77 -1.74 8.59
C VAL A 17 -7.67 -1.29 10.04
N ARG A 18 -7.33 -0.03 10.27
CA ARG A 18 -7.21 0.47 11.63
C ARG A 18 -7.78 1.88 11.74
N ALA A 19 -8.50 2.14 12.83
CA ALA A 19 -9.13 3.44 13.06
C ALA A 19 -8.12 4.57 13.25
N LEU A 20 -8.51 5.77 12.86
CA LEU A 20 -7.65 6.93 12.99
C LEU A 20 -7.64 7.49 14.41
N PRO A 21 -6.46 7.73 14.97
CA PRO A 21 -6.34 8.29 16.33
C PRO A 21 -6.44 9.81 16.23
N GLU A 22 -6.96 10.45 17.28
CA GLU A 22 -7.07 11.90 17.31
C GLU A 22 -5.70 12.56 17.10
N SER A 23 -4.65 11.94 17.62
CA SER A 23 -3.29 12.46 17.50
C SER A 23 -2.75 12.57 16.09
N LEU A 24 -3.37 11.87 15.14
CA LEU A 24 -2.89 11.93 13.76
C LEU A 24 -2.84 13.34 13.20
N ALA A 25 -3.87 14.13 13.48
CA ALA A 25 -3.96 15.50 12.97
C ALA A 25 -2.68 16.32 13.12
N GLN A 26 -2.10 16.31 14.31
CA GLN A 26 -0.90 17.09 14.55
C GLN A 26 0.37 16.30 14.82
N GLN A 27 0.22 15.02 15.17
CA GLN A 27 1.39 14.20 15.48
C GLN A 27 1.84 13.23 14.39
N ALA A 28 0.98 12.97 13.40
CA ALA A 28 1.35 12.06 12.33
C ALA A 28 2.56 12.57 11.55
N LEU A 29 3.48 11.67 11.21
CA LEU A 29 4.68 12.04 10.46
C LEU A 29 4.33 12.56 9.08
N ARG A 30 5.06 13.59 8.62
CA ARG A 30 4.81 14.16 7.30
C ARG A 30 6.08 14.83 6.79
N ARG A 31 6.34 14.71 5.49
CA ARG A 31 7.54 15.31 4.92
C ARG A 31 7.42 16.82 4.81
N THR A 32 6.19 17.32 4.75
CA THR A 32 5.95 18.75 4.63
C THR A 32 4.84 19.21 5.57
N LYS A 33 5.14 20.18 6.42
CA LYS A 33 4.16 20.73 7.35
C LYS A 33 3.49 21.94 6.69
N GLY A 34 2.31 21.72 6.13
CA GLY A 34 1.60 22.81 5.47
C GLY A 34 0.12 22.87 5.81
N ASP A 35 -0.73 22.58 4.83
CA ASP A 35 -2.17 22.60 5.00
C ASP A 35 -2.60 21.77 6.21
N GLU A 36 -3.40 22.36 7.08
CA GLU A 36 -3.87 21.68 8.28
C GLU A 36 -4.82 20.52 7.93
N VAL A 37 -4.68 19.42 8.64
CA VAL A 37 -5.53 18.26 8.40
C VAL A 37 -6.89 18.40 9.09
N ASP A 38 -7.95 18.17 8.32
CA ASP A 38 -9.32 18.21 8.82
C ASP A 38 -9.58 16.78 9.30
N PHE A 39 -9.42 16.55 10.61
CA PHE A 39 -9.59 15.22 11.15
C PHE A 39 -10.94 14.59 10.88
N ALA A 40 -12.00 15.37 11.09
CA ALA A 40 -13.36 14.90 10.86
C ALA A 40 -13.51 14.41 9.42
N ARG A 41 -13.00 15.19 8.46
CA ARG A 41 -13.10 14.81 7.06
C ARG A 41 -12.25 13.56 6.78
N ALA A 42 -11.11 13.45 7.45
CA ALA A 42 -10.24 12.30 7.28
C ALA A 42 -11.00 11.07 7.76
N GLU A 43 -11.76 11.20 8.85
CA GLU A 43 -12.53 10.06 9.34
C GLU A 43 -13.62 9.68 8.34
N ARG A 44 -14.26 10.67 7.70
CA ARG A 44 -15.30 10.36 6.73
C ARG A 44 -14.72 9.61 5.54
N GLN A 45 -13.56 10.06 5.04
CA GLN A 45 -12.94 9.39 3.90
C GLN A 45 -12.55 7.96 4.25
N HIS A 46 -12.13 7.75 5.51
CA HIS A 46 -11.77 6.41 5.94
C HIS A 46 -13.02 5.55 6.02
N GLN A 47 -14.11 6.11 6.52
CA GLN A 47 -15.36 5.36 6.62
C GLN A 47 -15.83 4.92 5.22
N LEU A 48 -15.73 5.81 4.25
CA LEU A 48 -16.13 5.49 2.88
C LEU A 48 -15.22 4.40 2.27
N TYR A 49 -13.94 4.53 2.56
CA TYR A 49 -12.90 3.62 2.10
C TYR A 49 -13.22 2.21 2.60
N VAL A 50 -13.45 2.09 3.91
CA VAL A 50 -13.78 0.80 4.50
C VAL A 50 -15.12 0.29 3.98
N GLY A 51 -16.07 1.20 3.75
CA GLY A 51 -17.37 0.80 3.23
C GLY A 51 -17.29 0.15 1.86
N VAL A 52 -16.36 0.62 1.02
CA VAL A 52 -16.18 0.06 -0.31
C VAL A 52 -15.64 -1.36 -0.21
N LEU A 53 -14.59 -1.53 0.58
CA LEU A 53 -13.96 -2.84 0.74
C LEU A 53 -14.87 -3.88 1.38
N GLY A 54 -15.60 -3.46 2.41
CA GLY A 54 -16.47 -4.38 3.12
C GLY A 54 -17.86 -4.57 2.57
N SER A 55 -18.65 -3.49 2.55
CA SER A 55 -20.02 -3.56 2.09
C SER A 55 -20.17 -3.78 0.59
N LYS A 56 -19.53 -2.92 -0.20
CA LYS A 56 -19.64 -3.00 -1.64
C LYS A 56 -18.96 -4.22 -2.28
N LEU A 57 -17.74 -4.52 -1.85
CA LEU A 57 -17.01 -5.64 -2.42
C LEU A 57 -17.14 -6.94 -1.63
N GLY A 58 -17.76 -6.86 -0.46
CA GLY A 58 -17.98 -8.05 0.35
C GLY A 58 -16.81 -8.69 1.07
N LEU A 59 -15.74 -7.94 1.31
CA LEU A 59 -14.59 -8.50 2.02
C LEU A 59 -14.89 -8.50 3.52
N GLN A 60 -14.33 -9.48 4.24
CA GLN A 60 -14.52 -9.55 5.68
C GLN A 60 -13.54 -8.55 6.27
N VAL A 61 -14.08 -7.51 6.90
CA VAL A 61 -13.24 -6.47 7.47
C VAL A 61 -12.86 -6.71 8.92
N VAL A 62 -11.57 -6.59 9.19
CA VAL A 62 -11.04 -6.73 10.54
C VAL A 62 -10.63 -5.30 10.91
N GLN A 63 -11.38 -4.68 11.82
CA GLN A 63 -11.12 -3.31 12.23
C GLN A 63 -10.37 -3.24 13.57
N LEU A 64 -9.14 -2.75 13.51
CA LEU A 64 -8.32 -2.60 14.72
C LEU A 64 -8.58 -1.24 15.34
N PRO A 65 -8.61 -1.18 16.68
CA PRO A 65 -8.85 0.08 17.39
C PRO A 65 -7.68 1.07 17.26
N ALA A 66 -7.99 2.36 17.31
CA ALA A 66 -6.97 3.38 17.19
C ALA A 66 -6.15 3.44 18.49
N ASP A 67 -4.92 3.91 18.36
CA ASP A 67 -4.02 4.05 19.50
C ASP A 67 -3.45 5.46 19.46
N GLU A 68 -3.84 6.30 20.42
CA GLU A 68 -3.38 7.69 20.47
C GLU A 68 -1.86 7.83 20.51
N SER A 69 -1.17 6.84 21.09
CA SER A 69 0.28 6.89 21.17
C SER A 69 0.94 6.56 19.83
N LEU A 70 0.12 6.16 18.86
CA LEU A 70 0.60 5.80 17.52
C LEU A 70 -0.17 6.62 16.48
N PRO A 71 0.25 7.88 16.27
CA PRO A 71 -0.38 8.81 15.32
C PRO A 71 -0.57 8.30 13.89
N ASP A 72 0.27 7.36 13.46
CA ASP A 72 0.18 6.83 12.10
C ASP A 72 -0.34 5.40 12.04
N CYS A 73 -1.00 4.93 13.11
CA CYS A 73 -1.51 3.56 13.14
C CYS A 73 -2.51 3.21 12.04
N VAL A 74 -3.10 4.22 11.41
CA VAL A 74 -4.05 3.99 10.33
C VAL A 74 -3.39 3.34 9.10
N PHE A 75 -2.11 3.66 8.86
CA PHE A 75 -1.39 3.12 7.70
C PHE A 75 -0.83 1.70 7.91
N VAL A 76 -1.77 0.76 8.13
CA VAL A 76 -1.43 -0.64 8.36
C VAL A 76 -0.55 -1.31 7.31
N GLU A 77 -0.60 -0.84 6.07
CA GLU A 77 0.21 -1.42 5.01
C GLU A 77 1.69 -1.47 5.33
N ASP A 78 2.18 -0.46 6.06
CA ASP A 78 3.59 -0.41 6.34
C ASP A 78 4.15 -1.41 7.34
N VAL A 79 3.28 -2.02 8.14
CA VAL A 79 3.72 -2.96 9.17
C VAL A 79 3.58 -4.45 8.82
N ALA A 80 3.02 -4.76 7.66
CA ALA A 80 2.84 -6.14 7.27
C ALA A 80 2.82 -6.34 5.78
N VAL A 81 3.51 -7.39 5.32
CA VAL A 81 3.54 -7.77 3.92
C VAL A 81 3.05 -9.21 3.88
N VAL A 82 1.90 -9.42 3.21
CA VAL A 82 1.29 -10.74 3.11
C VAL A 82 1.42 -11.35 1.71
N CYS A 83 1.80 -12.62 1.65
CA CYS A 83 1.94 -13.35 0.40
C CYS A 83 1.41 -14.76 0.68
N GLU A 84 0.26 -15.06 0.09
CA GLU A 84 -0.39 -16.35 0.27
C GLU A 84 -0.79 -16.54 1.74
N GLU A 85 -0.24 -17.57 2.40
CA GLU A 85 -0.57 -17.84 3.79
C GLU A 85 0.48 -17.33 4.79
N THR A 86 1.47 -16.61 4.28
CA THR A 86 2.53 -16.09 5.14
C THR A 86 2.52 -14.58 5.26
N ALA A 87 2.67 -14.09 6.48
CA ALA A 87 2.67 -12.66 6.73
C ALA A 87 3.97 -12.26 7.41
N LEU A 88 4.67 -11.32 6.79
CA LEU A 88 5.91 -10.81 7.33
C LEU A 88 5.60 -9.54 8.13
N ILE A 89 5.83 -9.57 9.44
CA ILE A 89 5.61 -8.41 10.30
C ILE A 89 6.92 -7.64 10.20
N THR A 90 6.85 -6.44 9.61
CA THR A 90 8.04 -5.64 9.41
C THR A 90 8.53 -4.86 10.61
N ARG A 91 9.68 -4.21 10.42
CA ARG A 91 10.28 -3.35 11.42
C ARG A 91 10.38 -2.01 10.68
N PRO A 92 9.36 -1.15 10.83
CA PRO A 92 9.27 0.17 10.19
C PRO A 92 10.54 1.00 10.30
N GLY A 93 10.82 1.78 9.26
CA GLY A 93 12.00 2.63 9.26
C GLY A 93 11.82 3.80 10.21
N ALA A 94 10.57 4.09 10.58
CA ALA A 94 10.26 5.18 11.51
C ALA A 94 10.09 4.62 12.93
N PRO A 95 11.01 4.95 13.85
CA PRO A 95 10.96 4.47 15.23
C PRO A 95 9.60 4.65 15.92
N SER A 96 8.94 5.78 15.66
CA SER A 96 7.64 6.07 16.27
C SER A 96 6.54 5.14 15.79
N ARG A 97 6.79 4.36 14.74
CA ARG A 97 5.77 3.47 14.22
C ARG A 97 6.01 1.98 14.50
N ARG A 98 7.07 1.66 15.23
CA ARG A 98 7.35 0.26 15.48
C ARG A 98 6.36 -0.50 16.35
N LYS A 99 5.77 0.18 17.34
CA LYS A 99 4.79 -0.46 18.22
C LYS A 99 3.52 -0.84 17.45
N GLU A 100 3.36 -0.30 16.24
CA GLU A 100 2.18 -0.62 15.43
C GLU A 100 2.16 -2.11 15.08
N ALA A 101 3.32 -2.75 15.14
CA ALA A 101 3.41 -4.18 14.81
C ALA A 101 2.71 -5.08 15.82
N ASP A 102 2.61 -4.63 17.07
CA ASP A 102 1.99 -5.43 18.11
C ASP A 102 0.57 -5.89 17.81
N MET A 103 -0.32 -4.94 17.50
CA MET A 103 -1.70 -5.30 17.22
C MET A 103 -1.87 -5.98 15.86
N MET A 104 -1.00 -5.65 14.91
CA MET A 104 -1.09 -6.27 13.59
C MET A 104 -0.74 -7.75 13.72
N LYS A 105 0.30 -8.03 14.50
CA LYS A 105 0.73 -9.41 14.72
C LYS A 105 -0.42 -10.22 15.33
N GLU A 106 -1.06 -9.67 16.35
CA GLU A 106 -2.18 -10.34 17.00
C GLU A 106 -3.31 -10.59 15.99
N ALA A 107 -3.64 -9.58 15.19
CA ALA A 107 -4.70 -9.71 14.20
C ALA A 107 -4.42 -10.81 13.18
N LEU A 108 -3.20 -10.81 12.66
CA LEU A 108 -2.83 -11.81 11.67
C LEU A 108 -2.72 -13.20 12.26
N GLU A 109 -2.32 -13.30 13.53
CA GLU A 109 -2.22 -14.60 14.19
C GLU A 109 -3.61 -15.16 14.40
N LYS A 110 -4.58 -14.28 14.63
CA LYS A 110 -5.96 -14.70 14.84
C LYS A 110 -6.54 -15.23 13.53
N LEU A 111 -6.05 -14.70 12.41
CA LEU A 111 -6.51 -15.13 11.09
C LEU A 111 -5.78 -16.39 10.67
N GLN A 112 -5.02 -16.96 11.60
CA GLN A 112 -4.27 -18.19 11.37
C GLN A 112 -3.33 -18.13 10.17
N LEU A 113 -2.46 -17.14 10.17
CA LEU A 113 -1.49 -16.99 9.10
C LEU A 113 -0.09 -17.27 9.64
N ASN A 114 0.79 -17.79 8.80
CA ASN A 114 2.16 -18.07 9.21
C ASN A 114 2.83 -16.73 9.48
N ILE A 115 3.27 -16.53 10.71
CA ILE A 115 3.90 -15.27 11.10
C ILE A 115 5.42 -15.31 11.11
N VAL A 116 6.02 -14.26 10.55
CA VAL A 116 7.47 -14.11 10.51
C VAL A 116 7.78 -12.67 10.90
N GLU A 117 8.52 -12.50 11.99
CA GLU A 117 8.85 -11.15 12.47
C GLU A 117 10.26 -10.70 12.12
N MET A 118 10.39 -9.41 11.81
CA MET A 118 11.67 -8.82 11.47
C MET A 118 12.29 -8.29 12.77
N LYS A 119 13.06 -9.14 13.43
CA LYS A 119 13.71 -8.78 14.69
C LYS A 119 15.10 -8.17 14.51
N ASP A 120 15.67 -8.35 13.33
CA ASP A 120 17.01 -7.82 13.05
C ASP A 120 17.06 -6.32 13.37
N GLU A 121 17.75 -5.97 14.44
CA GLU A 121 17.86 -4.58 14.86
C GLU A 121 18.57 -3.68 13.85
N ASN A 122 19.16 -4.27 12.82
CA ASN A 122 19.85 -3.50 11.80
C ASN A 122 19.07 -3.47 10.50
N ALA A 123 17.89 -4.09 10.50
CA ALA A 123 17.05 -4.13 9.31
C ALA A 123 15.78 -3.31 9.47
N THR A 124 15.42 -2.58 8.41
CA THR A 124 14.19 -1.79 8.43
C THR A 124 13.47 -2.03 7.11
N LEU A 125 12.15 -2.02 7.17
CA LEU A 125 11.33 -2.25 5.98
C LEU A 125 9.92 -1.74 6.16
N ASP A 126 9.46 -0.93 5.22
CA ASP A 126 8.11 -0.39 5.24
C ASP A 126 7.32 -1.10 4.13
N GLY A 127 6.12 -1.56 4.44
CA GLY A 127 5.30 -2.23 3.44
C GLY A 127 5.05 -1.37 2.20
N GLY A 128 5.05 -0.06 2.38
CA GLY A 128 4.82 0.85 1.26
C GLY A 128 5.93 0.79 0.22
N ASP A 129 7.09 0.27 0.61
CA ASP A 129 8.22 0.15 -0.32
C ASP A 129 8.22 -1.16 -1.09
N VAL A 130 7.22 -1.99 -0.88
CA VAL A 130 7.14 -3.30 -1.53
C VAL A 130 6.04 -3.36 -2.58
N LEU A 131 6.40 -3.66 -3.81
CA LEU A 131 5.43 -3.79 -4.89
C LEU A 131 5.40 -5.26 -5.26
N PHE A 132 4.26 -5.91 -5.00
CA PHE A 132 4.09 -7.32 -5.34
C PHE A 132 3.29 -7.40 -6.63
N THR A 133 3.86 -7.98 -7.68
CA THR A 133 3.17 -8.06 -8.96
C THR A 133 2.36 -9.34 -9.10
N GLY A 134 2.51 -10.24 -8.14
CA GLY A 134 1.84 -11.52 -8.22
C GLY A 134 2.83 -12.54 -8.75
N ARG A 135 3.89 -12.06 -9.41
CA ARG A 135 4.94 -12.93 -9.95
C ARG A 135 6.26 -12.74 -9.20
N GLU A 136 6.49 -11.53 -8.73
CA GLU A 136 7.72 -11.20 -8.01
C GLU A 136 7.55 -9.96 -7.16
N PHE A 137 8.59 -9.66 -6.38
CA PHE A 137 8.60 -8.50 -5.51
C PHE A 137 9.64 -7.48 -5.94
N PHE A 138 9.27 -6.20 -5.87
CA PHE A 138 10.19 -5.12 -6.15
C PHE A 138 10.20 -4.37 -4.81
N VAL A 139 11.39 -4.12 -4.29
CA VAL A 139 11.54 -3.44 -3.00
C VAL A 139 12.31 -2.13 -3.15
N GLY A 140 11.69 -1.05 -2.70
CA GLY A 140 12.35 0.24 -2.80
C GLY A 140 13.36 0.46 -1.69
N LEU A 141 14.53 0.99 -2.05
CA LEU A 141 15.55 1.31 -1.05
C LEU A 141 15.40 2.81 -0.81
N SER A 142 14.95 3.16 0.37
CA SER A 142 14.71 4.56 0.71
C SER A 142 15.17 4.86 2.13
N LYS A 143 14.60 5.90 2.73
CA LYS A 143 14.93 6.30 4.09
C LYS A 143 14.19 5.42 5.10
N ARG A 144 13.24 4.64 4.60
CA ARG A 144 12.46 3.75 5.47
C ARG A 144 12.83 2.28 5.32
N THR A 145 13.38 1.92 4.16
CA THR A 145 13.74 0.53 3.89
C THR A 145 15.19 0.38 3.44
N ASN A 146 15.93 -0.51 4.10
CA ASN A 146 17.33 -0.74 3.74
C ASN A 146 17.60 -2.13 3.14
N GLN A 147 18.83 -2.33 2.69
CA GLN A 147 19.25 -3.58 2.07
C GLN A 147 18.95 -4.81 2.92
N ARG A 148 19.27 -4.73 4.20
CA ARG A 148 19.01 -5.84 5.11
C ARG A 148 17.53 -6.19 5.13
N GLY A 149 16.67 -5.19 5.10
CA GLY A 149 15.24 -5.44 5.11
C GLY A 149 14.81 -6.20 3.85
N ALA A 150 15.33 -5.78 2.70
CA ALA A 150 14.99 -6.44 1.45
C ALA A 150 15.45 -7.90 1.50
N GLU A 151 16.61 -8.14 2.08
CA GLU A 151 17.16 -9.48 2.19
C GLU A 151 16.26 -10.39 3.03
N ILE A 152 15.74 -9.86 4.14
CA ILE A 152 14.86 -10.65 4.99
C ILE A 152 13.57 -10.97 4.25
N LEU A 153 13.12 -10.05 3.41
CA LEU A 153 11.91 -10.26 2.64
C LEU A 153 12.12 -11.44 1.69
N ALA A 154 13.23 -11.40 0.95
CA ALA A 154 13.56 -12.47 0.00
C ALA A 154 13.67 -13.82 0.71
N ASP A 155 14.18 -13.81 1.93
CA ASP A 155 14.33 -15.04 2.71
C ASP A 155 12.99 -15.57 3.22
N THR A 156 12.05 -14.67 3.45
CA THR A 156 10.73 -15.05 3.96
C THR A 156 9.85 -15.63 2.87
N PHE A 157 9.97 -15.09 1.67
CA PHE A 157 9.19 -15.55 0.50
C PHE A 157 10.15 -16.12 -0.54
N LYS A 158 10.76 -17.25 -0.21
CA LYS A 158 11.73 -17.92 -1.08
C LYS A 158 11.23 -18.36 -2.46
N ASP A 159 9.92 -18.52 -2.62
CA ASP A 159 9.37 -18.96 -3.89
C ASP A 159 9.13 -17.80 -4.86
N TYR A 160 9.59 -16.61 -4.50
CA TYR A 160 9.39 -15.45 -5.36
C TYR A 160 10.69 -14.66 -5.52
N ALA A 161 10.93 -14.14 -6.71
CA ALA A 161 12.12 -13.34 -6.96
C ALA A 161 11.91 -11.97 -6.28
N VAL A 162 13.01 -11.39 -5.80
CA VAL A 162 12.99 -10.10 -5.13
C VAL A 162 14.10 -9.23 -5.72
N SER A 163 13.74 -8.03 -6.17
CA SER A 163 14.69 -7.11 -6.77
C SER A 163 14.51 -5.74 -6.13
N THR A 164 15.62 -5.04 -5.89
CA THR A 164 15.57 -3.71 -5.28
C THR A 164 15.65 -2.58 -6.31
N VAL A 165 15.15 -1.41 -5.93
CA VAL A 165 15.17 -0.23 -6.78
C VAL A 165 15.27 1.03 -5.94
N PRO A 166 16.14 1.98 -6.34
CA PRO A 166 16.30 3.22 -5.57
C PRO A 166 15.07 4.13 -5.54
N VAL A 167 14.71 4.61 -4.36
CA VAL A 167 13.59 5.53 -4.19
C VAL A 167 14.22 6.81 -3.65
N VAL A 168 14.49 7.76 -4.54
CA VAL A 168 15.16 9.00 -4.16
C VAL A 168 14.32 10.27 -4.00
N ASP A 169 13.18 10.33 -4.69
CA ASP A 169 12.35 11.53 -4.65
C ASP A 169 11.06 11.43 -3.84
N ALA A 170 10.60 10.22 -3.58
CA ALA A 170 9.36 10.03 -2.83
C ALA A 170 9.60 9.30 -1.52
N LEU A 171 8.57 9.26 -0.68
CA LEU A 171 8.66 8.58 0.62
C LEU A 171 8.87 7.08 0.42
N HIS A 172 8.02 6.47 -0.40
N HIS A 172 8.01 6.45 -0.37
CA HIS A 172 8.07 5.03 -0.66
CA HIS A 172 8.14 5.03 -0.65
C HIS A 172 7.93 4.72 -2.15
C HIS A 172 7.89 4.70 -2.12
N LEU A 173 8.27 3.50 -2.52
CA LEU A 173 8.12 3.06 -3.91
C LEU A 173 6.68 3.21 -4.37
N LYS A 174 5.72 2.82 -3.53
CA LYS A 174 4.33 2.94 -3.95
C LYS A 174 3.73 4.35 -3.91
N SER A 175 4.59 5.35 -3.69
CA SER A 175 4.13 6.74 -3.71
C SER A 175 3.93 7.11 -5.18
N PHE A 176 4.45 6.32 -6.11
CA PHE A 176 4.29 6.62 -7.53
C PHE A 176 3.97 5.42 -8.43
N CYS A 177 3.61 4.29 -7.83
CA CYS A 177 3.24 3.12 -8.62
C CYS A 177 2.44 2.12 -7.79
N SER A 178 1.81 1.18 -8.47
CA SER A 178 1.02 0.12 -7.84
C SER A 178 0.44 -0.75 -8.95
N MET A 179 -0.04 -1.92 -8.59
CA MET A 179 -0.63 -2.81 -9.59
C MET A 179 -2.04 -2.36 -9.91
N ALA A 180 -2.36 -2.27 -11.19
CA ALA A 180 -3.69 -1.86 -11.61
C ALA A 180 -4.40 -3.02 -12.30
N GLY A 181 -3.68 -4.12 -12.48
CA GLY A 181 -4.27 -5.29 -13.13
C GLY A 181 -3.30 -6.46 -13.08
N PRO A 182 -3.74 -7.65 -13.52
CA PRO A 182 -2.92 -8.87 -13.52
C PRO A 182 -1.48 -8.72 -14.03
N ASN A 183 -1.29 -7.91 -15.06
CA ASN A 183 0.04 -7.70 -15.63
C ASN A 183 0.20 -6.23 -15.96
N LEU A 184 -0.49 -5.38 -15.19
CA LEU A 184 -0.47 -3.94 -15.44
C LEU A 184 0.03 -3.13 -14.25
N ILE A 185 1.08 -2.35 -14.47
CA ILE A 185 1.65 -1.51 -13.42
C ILE A 185 1.28 -0.06 -13.69
N ALA A 186 0.57 0.56 -12.76
CA ALA A 186 0.22 1.97 -12.91
C ALA A 186 1.48 2.70 -12.46
N ILE A 187 1.89 3.70 -13.23
CA ILE A 187 3.13 4.42 -12.93
C ILE A 187 2.99 5.92 -13.19
N GLY A 188 3.62 6.73 -12.35
CA GLY A 188 3.57 8.17 -12.54
C GLY A 188 4.32 8.58 -13.78
N SER A 189 3.98 9.74 -14.32
CA SER A 189 4.62 10.23 -15.54
C SER A 189 5.92 11.00 -15.28
N SER A 190 6.27 11.23 -14.02
CA SER A 190 7.49 11.96 -13.70
C SER A 190 8.73 11.20 -14.16
N GLU A 191 9.81 11.94 -14.40
CA GLU A 191 11.05 11.31 -14.84
C GLU A 191 11.54 10.30 -13.81
N SER A 192 11.42 10.66 -12.53
CA SER A 192 11.84 9.79 -11.43
C SER A 192 11.05 8.48 -11.42
N ALA A 193 9.74 8.60 -11.57
CA ALA A 193 8.89 7.41 -11.59
C ALA A 193 9.23 6.54 -12.79
N GLN A 194 9.35 7.15 -13.97
CA GLN A 194 9.66 6.40 -15.19
C GLN A 194 11.03 5.72 -15.10
N LYS A 195 11.98 6.39 -14.46
CA LYS A 195 13.32 5.81 -14.32
C LYS A 195 13.29 4.59 -13.42
N ALA A 196 12.49 4.66 -12.37
CA ALA A 196 12.38 3.54 -11.42
C ALA A 196 11.75 2.34 -12.11
N LEU A 197 10.73 2.57 -12.93
CA LEU A 197 10.05 1.50 -13.63
C LEU A 197 11.00 0.83 -14.61
N LYS A 198 11.84 1.62 -15.27
CA LYS A 198 12.80 1.07 -16.22
C LYS A 198 13.75 0.10 -15.51
N ILE A 199 14.21 0.49 -14.33
CA ILE A 199 15.11 -0.35 -13.54
C ILE A 199 14.41 -1.65 -13.14
N MET A 200 13.18 -1.54 -12.64
CA MET A 200 12.42 -2.71 -12.23
C MET A 200 12.22 -3.69 -13.40
N GLN A 201 11.82 -3.17 -14.54
CA GLN A 201 11.57 -3.98 -15.72
C GLN A 201 12.84 -4.63 -16.24
N GLN A 202 13.97 -3.96 -16.08
CA GLN A 202 15.24 -4.50 -16.54
C GLN A 202 15.68 -5.71 -15.72
N MET A 203 15.30 -5.75 -14.44
CA MET A 203 15.68 -6.85 -13.57
C MET A 203 14.81 -8.09 -13.72
N SER A 204 13.55 -7.89 -14.11
CA SER A 204 12.62 -8.99 -14.28
C SER A 204 12.75 -9.65 -15.65
N ASP A 205 12.41 -10.93 -15.74
CA ASP A 205 12.49 -11.63 -17.01
C ASP A 205 11.10 -11.68 -17.64
N HIS A 206 10.15 -10.98 -17.01
CA HIS A 206 8.78 -10.94 -17.50
C HIS A 206 8.44 -9.53 -17.97
N ARG A 207 7.78 -9.41 -19.11
CA ARG A 207 7.42 -8.10 -19.64
C ARG A 207 6.08 -7.62 -19.11
N TYR A 208 6.10 -6.58 -18.29
CA TYR A 208 4.86 -6.04 -17.74
C TYR A 208 4.32 -4.91 -18.58
N ASP A 209 3.00 -4.75 -18.58
CA ASP A 209 2.36 -3.66 -19.30
C ASP A 209 2.34 -2.49 -18.31
N LYS A 210 2.31 -1.27 -18.81
CA LYS A 210 2.28 -0.11 -17.93
C LYS A 210 1.18 0.86 -18.31
N LEU A 211 0.62 1.52 -17.30
CA LEU A 211 -0.41 2.53 -17.51
C LEU A 211 0.13 3.80 -16.86
N THR A 212 0.53 4.77 -17.68
CA THR A 212 1.08 6.01 -17.14
C THR A 212 -0.03 7.02 -16.81
N VAL A 213 0.08 7.62 -15.63
CA VAL A 213 -0.89 8.63 -15.19
C VAL A 213 -0.15 9.95 -14.93
N PRO A 214 -0.80 11.09 -15.23
CA PRO A 214 -0.24 12.44 -15.04
C PRO A 214 0.17 12.79 -13.62
N ASP A 215 -0.59 12.30 -12.66
CA ASP A 215 -0.35 12.59 -11.25
C ASP A 215 0.31 11.38 -10.58
N ASP A 216 1.57 11.54 -10.16
CA ASP A 216 2.31 10.44 -9.54
C ASP A 216 1.56 9.77 -8.38
N THR A 217 1.02 10.58 -7.47
CA THR A 217 0.31 10.02 -6.33
C THR A 217 -0.97 9.28 -6.74
N ALA A 218 -1.50 9.61 -7.92
CA ALA A 218 -2.71 8.96 -8.44
C ALA A 218 -2.37 7.60 -9.05
N ALA A 219 -1.07 7.27 -9.13
CA ALA A 219 -0.62 5.98 -9.67
C ALA A 219 -0.78 4.94 -8.57
N ASN A 220 -1.09 5.40 -7.35
CA ASN A 220 -1.30 4.47 -6.24
C ASN A 220 -2.81 4.16 -6.20
N CYS A 221 -3.12 2.91 -6.49
CA CYS A 221 -4.49 2.42 -6.52
C CYS A 221 -4.52 1.03 -5.91
N ILE A 222 -5.74 0.52 -5.71
CA ILE A 222 -5.91 -0.81 -5.15
C ILE A 222 -6.63 -1.67 -6.17
N TYR A 223 -5.97 -2.75 -6.60
CA TYR A 223 -6.56 -3.67 -7.56
C TYR A 223 -7.04 -4.90 -6.81
N LEU A 224 -8.24 -5.37 -7.13
CA LEU A 224 -8.80 -6.57 -6.51
C LEU A 224 -9.50 -7.41 -7.56
N ASN A 225 -9.52 -8.72 -7.35
CA ASN A 225 -10.20 -9.62 -8.25
C ASN A 225 -11.27 -10.27 -7.39
N ILE A 226 -12.51 -9.81 -7.54
CA ILE A 226 -13.65 -10.31 -6.77
C ILE A 226 -14.37 -11.40 -7.58
N PRO A 227 -14.60 -12.57 -6.98
CA PRO A 227 -15.28 -13.71 -7.63
C PRO A 227 -16.55 -13.37 -8.39
N SER A 228 -17.40 -12.53 -7.81
CA SER A 228 -18.67 -12.19 -8.46
C SER A 228 -18.65 -10.89 -9.28
N LYS A 229 -17.50 -10.22 -9.33
CA LYS A 229 -17.41 -8.97 -10.07
C LYS A 229 -16.27 -8.92 -11.07
N GLY A 230 -15.21 -9.68 -10.82
CA GLY A 230 -14.07 -9.66 -11.72
C GLY A 230 -13.04 -8.62 -11.32
N HIS A 231 -12.42 -7.98 -12.31
CA HIS A 231 -11.40 -6.97 -12.07
C HIS A 231 -12.01 -5.72 -11.43
N VAL A 232 -11.46 -5.30 -10.30
CA VAL A 232 -11.95 -4.11 -9.60
C VAL A 232 -10.75 -3.20 -9.31
N LEU A 233 -10.93 -1.90 -9.47
CA LEU A 233 -9.84 -0.97 -9.20
C LEU A 233 -10.34 0.25 -8.44
N LEU A 234 -9.76 0.48 -7.25
CA LEU A 234 -10.10 1.66 -6.45
C LEU A 234 -9.02 2.68 -6.84
N HIS A 235 -9.44 3.84 -7.30
CA HIS A 235 -8.50 4.89 -7.71
C HIS A 235 -8.97 6.25 -7.18
N ARG A 236 -8.10 7.26 -7.24
CA ARG A 236 -8.45 8.59 -6.75
C ARG A 236 -9.58 9.22 -7.57
N THR A 237 -10.39 10.03 -6.89
CA THR A 237 -11.55 10.67 -7.50
C THR A 237 -11.24 11.72 -8.58
N PRO A 238 -12.22 11.98 -9.46
CA PRO A 238 -12.07 12.97 -10.52
C PRO A 238 -11.87 14.37 -9.93
N GLU A 239 -12.40 14.59 -8.73
CA GLU A 239 -12.24 15.89 -8.08
C GLU A 239 -10.81 16.10 -7.63
N GLU A 240 -10.18 15.04 -7.13
CA GLU A 240 -8.80 15.13 -6.66
C GLU A 240 -7.81 15.23 -7.81
N TYR A 241 -7.93 14.32 -8.79
CA TYR A 241 -7.04 14.28 -9.95
C TYR A 241 -7.84 13.92 -11.19
N PRO A 242 -8.54 14.88 -11.77
CA PRO A 242 -9.34 14.65 -12.97
C PRO A 242 -8.60 14.06 -14.16
N GLU A 243 -7.38 14.51 -14.38
CA GLU A 243 -6.60 14.02 -15.52
C GLU A 243 -6.22 12.55 -15.36
N SER A 244 -5.97 12.12 -14.13
CA SER A 244 -5.62 10.73 -13.88
C SER A 244 -6.85 9.85 -13.91
N ALA A 245 -7.96 10.32 -13.34
CA ALA A 245 -9.17 9.52 -13.34
C ALA A 245 -9.59 9.26 -14.78
N LYS A 246 -9.35 10.23 -15.66
CA LYS A 246 -9.69 10.11 -17.08
C LYS A 246 -8.89 8.99 -17.75
N VAL A 247 -7.64 8.82 -17.34
CA VAL A 247 -6.79 7.79 -17.90
C VAL A 247 -7.30 6.40 -17.51
N TYR A 248 -7.69 6.23 -16.26
CA TYR A 248 -8.19 4.95 -15.79
C TYR A 248 -9.48 4.55 -16.50
N GLU A 249 -10.18 5.53 -17.06
CA GLU A 249 -11.43 5.27 -17.78
C GLU A 249 -11.22 4.32 -18.95
N LYS A 250 -9.98 4.20 -19.40
CA LYS A 250 -9.63 3.32 -20.52
C LYS A 250 -9.76 1.84 -20.14
N LEU A 251 -9.71 1.54 -18.85
CA LEU A 251 -9.83 0.16 -18.38
C LEU A 251 -11.30 -0.25 -18.36
N LYS A 252 -11.83 -0.52 -19.55
CA LYS A 252 -13.22 -0.88 -19.72
C LYS A 252 -13.62 -2.23 -19.11
N ASP A 253 -12.63 -3.10 -18.89
CA ASP A 253 -12.91 -4.41 -18.31
C ASP A 253 -12.76 -4.39 -16.79
N HIS A 254 -12.58 -3.20 -16.24
CA HIS A 254 -12.44 -3.05 -14.78
C HIS A 254 -13.67 -2.39 -14.19
N MET A 255 -13.95 -2.71 -12.93
CA MET A 255 -15.04 -2.07 -12.21
C MET A 255 -14.31 -0.94 -11.51
N LEU A 256 -14.41 0.26 -12.05
CA LEU A 256 -13.73 1.42 -11.49
C LEU A 256 -14.49 2.08 -10.34
N ILE A 257 -13.81 2.25 -9.21
CA ILE A 257 -14.47 2.86 -8.06
C ILE A 257 -13.64 4.03 -7.53
N PRO A 258 -14.18 5.26 -7.64
CA PRO A 258 -13.47 6.46 -7.16
C PRO A 258 -13.49 6.52 -5.64
N VAL A 259 -12.32 6.71 -5.03
CA VAL A 259 -12.22 6.77 -3.58
C VAL A 259 -11.32 7.94 -3.17
N SER A 260 -11.86 8.84 -2.36
CA SER A 260 -11.15 10.02 -1.87
C SER A 260 -10.15 9.68 -0.76
N ASN A 261 -9.07 10.45 -0.70
CA ASN A 261 -8.04 10.23 0.32
C ASN A 261 -7.21 11.50 0.43
N SER A 262 -7.83 12.65 0.13
CA SER A 262 -7.15 13.93 0.17
C SER A 262 -6.61 14.35 1.54
N GLU A 263 -7.34 14.04 2.61
CA GLU A 263 -6.88 14.42 3.94
C GLU A 263 -5.65 13.61 4.37
N LEU A 264 -5.68 12.29 4.18
CA LEU A 264 -4.54 11.50 4.58
C LEU A 264 -3.33 11.76 3.70
N GLU A 265 -3.53 12.22 2.46
CA GLU A 265 -2.39 12.49 1.61
C GLU A 265 -1.53 13.61 2.24
N LYS A 266 -2.16 14.45 3.07
CA LYS A 266 -1.41 15.53 3.72
C LYS A 266 -0.34 14.96 4.64
N VAL A 267 -0.56 13.74 5.12
CA VAL A 267 0.41 13.08 5.98
C VAL A 267 1.04 11.92 5.21
N ASP A 268 1.17 12.12 3.91
CA ASP A 268 1.78 11.13 3.01
C ASP A 268 1.10 9.77 2.97
N GLY A 269 -0.22 9.76 3.10
CA GLY A 269 -0.96 8.51 3.03
C GLY A 269 -1.72 8.37 1.73
N LEU A 270 -1.51 7.27 1.02
CA LEU A 270 -2.21 7.02 -0.24
C LEU A 270 -3.20 5.87 -0.09
N LEU A 271 -3.82 5.43 -1.17
CA LEU A 271 -4.82 4.36 -1.07
C LEU A 271 -4.34 3.03 -0.51
N THR A 272 -3.24 2.50 -1.02
CA THR A 272 -2.77 1.21 -0.52
C THR A 272 -2.37 1.25 0.95
N CYS A 273 -1.93 2.41 1.42
CA CYS A 273 -1.46 2.59 2.79
C CYS A 273 -2.41 2.21 3.92
N SER A 274 -3.71 2.36 3.69
CA SER A 274 -4.70 2.09 4.73
C SER A 274 -5.30 0.69 4.80
N SER A 275 -4.71 -0.27 4.10
CA SER A 275 -5.24 -1.63 4.17
C SER A 275 -4.22 -2.70 3.92
N VAL A 276 -4.53 -3.90 4.41
CA VAL A 276 -3.71 -5.08 4.19
C VAL A 276 -4.71 -6.14 3.75
N LEU A 277 -4.58 -6.58 2.50
CA LEU A 277 -5.48 -7.57 1.90
C LEU A 277 -4.97 -8.99 2.11
N ILE A 278 -5.87 -9.90 2.47
CA ILE A 278 -5.50 -11.29 2.72
C ILE A 278 -6.46 -12.22 2.00
N ASN A 279 -5.94 -13.33 1.48
CA ASN A 279 -6.78 -14.30 0.79
C ASN A 279 -6.78 -15.63 1.54
N LYS A 280 -7.95 -16.02 2.05
CA LYS A 280 -8.07 -17.29 2.78
C LYS A 280 -8.91 -18.29 2.00
#